data_5NUI
#
_entry.id   5NUI
#
_cell.length_a   51.480
_cell.length_b   140.730
_cell.length_c   106.430
_cell.angle_alpha   90.00
_cell.angle_beta   90.00
_cell.angle_gamma   90.00
#
_symmetry.space_group_name_H-M   'C 2 2 21'
#
loop_
_entity.id
_entity.type
_entity.pdbx_description
1 polymer 'Protein Nef'
2 polymer SER-GLN-ILE-LYS-ARG-LEU-LEU-SER
3 water water
#
loop_
_entity_poly.entity_id
_entity_poly.type
_entity_poly.pdbx_seq_one_letter_code
_entity_poly.pdbx_strand_id
1 'polypeptide(L)'
;GAMDDIDEEDDDLVGVSVRPKVPLRTMSYKLAIDMSHFIKEKGGLEGIYYSARRHRILDIYLEKEEGIIPDWQDYTSGPG
IRYPKTFGWLWKLVPVNVSDEAQEDEEHYLMHPAQTSQWDDPWGEVLAWKFDPTLAYTYEAYVRYPEEFGS
;
A,B
2 'polypeptide(L)' (UNK)(UNK)(UNK)(UNK)(UNK)(UNK)(UNK)(UNK)(UNK)(UNK)(UNK)(UNK)(UNK)(UNK)(UNK)(UNK) M
#
# COMPACT_ATOMS: atom_id res chain seq x y z
N PRO A 23 -9.28 3.73 -11.32
CA PRO A 23 -8.66 4.61 -12.31
C PRO A 23 -7.58 3.87 -13.10
N LEU A 24 -7.97 2.89 -13.89
CA LEU A 24 -6.98 2.09 -14.53
C LEU A 24 -5.99 2.90 -15.29
N ARG A 25 -4.73 2.58 -15.05
CA ARG A 25 -3.65 3.23 -15.72
C ARG A 25 -2.80 2.10 -16.14
N THR A 26 -2.14 2.28 -17.26
CA THR A 26 -1.26 1.27 -17.82
C THR A 26 0.14 1.42 -17.25
N MET A 27 0.88 0.30 -17.23
CA MET A 27 2.13 0.17 -16.49
C MET A 27 3.27 0.78 -17.31
N SER A 28 3.71 1.98 -16.91
CA SER A 28 4.78 2.67 -17.61
C SER A 28 6.14 2.28 -17.03
N TYR A 29 7.19 2.78 -17.67
CA TYR A 29 8.55 2.50 -17.18
C TYR A 29 8.75 3.07 -15.78
N LYS A 30 8.43 4.35 -15.58
CA LYS A 30 8.63 4.97 -14.27
C LYS A 30 7.78 4.27 -13.21
N LEU A 31 6.55 3.88 -13.57
CA LEU A 31 5.69 3.16 -12.64
C LEU A 31 6.31 1.80 -12.28
N ALA A 32 6.75 1.07 -13.30
CA ALA A 32 7.41 -0.21 -13.05
C ALA A 32 8.59 -0.06 -12.10
N ILE A 33 9.41 0.97 -12.30
CA ILE A 33 10.52 1.22 -11.39
C ILE A 33 9.99 1.36 -9.96
N ASP A 34 9.01 2.23 -9.77
CA ASP A 34 8.56 2.56 -8.42
C ASP A 34 7.91 1.35 -7.75
N MET A 35 7.01 0.69 -8.47
CA MET A 35 6.37 -0.51 -7.93
C MET A 35 7.41 -1.60 -7.66
N SER A 36 8.41 -1.71 -8.54
CA SER A 36 9.52 -2.62 -8.27
C SER A 36 10.12 -2.31 -6.92
N HIS A 37 10.34 -1.02 -6.64
CA HIS A 37 11.04 -0.61 -5.42
C HIS A 37 10.16 -0.77 -4.20
N PHE A 38 8.92 -0.27 -4.30
CA PHE A 38 7.95 -0.45 -3.21
C PHE A 38 7.92 -1.91 -2.75
N ILE A 39 7.70 -2.83 -3.68
CA ILE A 39 7.62 -4.24 -3.32
C ILE A 39 8.92 -4.72 -2.70
N LYS A 40 10.05 -4.37 -3.31
CA LYS A 40 11.35 -4.81 -2.81
C LYS A 40 11.60 -4.23 -1.42
N GLU A 41 11.12 -3.04 -1.16
CA GLU A 41 11.30 -2.42 0.15
C GLU A 41 10.73 -3.25 1.25
N LYS A 42 9.59 -3.84 0.99
CA LYS A 42 8.92 -4.68 1.94
C LYS A 42 9.39 -6.07 1.74
N GLY A 43 8.68 -7.05 2.27
CA GLY A 43 9.14 -8.42 2.15
C GLY A 43 9.31 -8.73 0.69
N GLY A 44 8.37 -8.30 -0.10
CA GLY A 44 8.47 -8.45 -1.53
C GLY A 44 8.52 -9.85 -2.05
N LEU A 45 9.07 -10.02 -3.25
CA LEU A 45 9.03 -11.28 -3.96
C LEU A 45 10.30 -12.08 -3.80
N GLU A 46 11.32 -11.48 -3.19
CA GLU A 46 12.68 -11.99 -3.21
C GLU A 46 12.72 -13.43 -2.75
N GLY A 47 13.25 -14.29 -3.62
CA GLY A 47 13.46 -15.68 -3.28
C GLY A 47 12.22 -16.54 -3.23
N ILE A 48 11.06 -15.99 -3.51
CA ILE A 48 9.81 -16.73 -3.38
C ILE A 48 9.55 -17.57 -4.63
N TYR A 49 9.12 -18.81 -4.37
CA TYR A 49 8.81 -19.74 -5.44
C TYR A 49 7.78 -19.14 -6.37
N TYR A 50 8.04 -19.27 -7.66
CA TYR A 50 7.14 -18.74 -8.67
C TYR A 50 6.16 -19.81 -9.12
N SER A 51 4.92 -19.38 -9.33
CA SER A 51 3.86 -20.24 -9.80
C SER A 51 2.95 -19.41 -10.68
N ALA A 52 2.15 -20.09 -11.48
CA ALA A 52 1.18 -19.39 -12.31
C ALA A 52 0.12 -18.74 -11.44
N ARG A 53 -0.24 -19.39 -10.33
CA ARG A 53 -1.16 -18.77 -9.37
C ARG A 53 -0.58 -17.49 -8.81
N ARG A 54 0.65 -17.56 -8.27
CA ARG A 54 1.24 -16.38 -7.65
C ARG A 54 1.44 -15.26 -8.66
N HIS A 55 1.65 -15.62 -9.93
CA HIS A 55 1.67 -14.63 -11.00
C HIS A 55 0.39 -13.82 -11.03
N ARG A 56 -0.76 -14.50 -11.03
CA ARG A 56 -2.02 -13.77 -11.15
C ARG A 56 -2.32 -13.01 -9.86
N ILE A 57 -1.94 -13.56 -8.71
CA ILE A 57 -2.18 -12.86 -7.45
C ILE A 57 -1.51 -11.50 -7.50
N LEU A 58 -0.23 -11.49 -7.91
CA LEU A 58 0.48 -10.24 -8.07
C LEU A 58 -0.25 -9.32 -9.05
N ASP A 59 -0.70 -9.87 -10.19
CA ASP A 59 -1.55 -9.13 -11.11
C ASP A 59 -2.70 -8.44 -10.37
N ILE A 60 -3.49 -9.22 -9.61
CA ILE A 60 -4.62 -8.63 -8.91
C ILE A 60 -4.15 -7.60 -7.88
N TYR A 61 -3.13 -7.93 -7.08
CA TYR A 61 -2.77 -7.02 -6.01
C TYR A 61 -2.37 -5.66 -6.55
N LEU A 62 -1.86 -5.61 -7.79
CA LEU A 62 -1.50 -4.34 -8.40
C LEU A 62 -2.66 -3.70 -9.13
N GLU A 63 -3.44 -4.49 -9.85
CA GLU A 63 -4.70 -4.00 -10.39
C GLU A 63 -5.53 -3.32 -9.31
N LYS A 64 -5.62 -3.94 -8.13
CA LYS A 64 -6.48 -3.38 -7.09
C LYS A 64 -5.82 -2.21 -6.40
N GLU A 65 -4.59 -2.39 -5.90
CA GLU A 65 -3.97 -1.37 -5.07
C GLU A 65 -3.50 -0.15 -5.85
N GLU A 66 -3.29 -0.26 -7.16
CA GLU A 66 -2.81 0.89 -7.92
C GLU A 66 -3.46 1.02 -9.29
N GLY A 67 -4.50 0.23 -9.59
CA GLY A 67 -5.24 0.42 -10.82
C GLY A 67 -4.44 0.14 -12.08
N ILE A 68 -3.58 -0.86 -12.04
CA ILE A 68 -2.68 -1.13 -13.16
C ILE A 68 -3.28 -2.27 -13.95
N ILE A 69 -3.63 -1.97 -15.19
CA ILE A 69 -4.22 -2.94 -16.04
C ILE A 69 -3.26 -4.06 -16.03
N PRO A 70 -3.81 -5.32 -15.93
CA PRO A 70 -2.84 -6.40 -15.89
C PRO A 70 -2.39 -6.89 -17.24
N ASP A 71 -1.70 -6.06 -17.98
CA ASP A 71 -1.19 -6.46 -19.27
C ASP A 71 0.31 -6.37 -19.30
N TRP A 72 0.92 -6.16 -18.16
CA TRP A 72 2.35 -5.97 -18.11
C TRP A 72 3.31 -7.08 -17.71
N GLN A 73 2.90 -7.96 -16.82
CA GLN A 73 3.75 -8.99 -16.23
C GLN A 73 3.83 -10.19 -17.17
N ASP A 74 4.76 -10.11 -18.13
CA ASP A 74 5.16 -11.26 -18.94
C ASP A 74 6.65 -11.49 -18.76
N TYR A 75 7.08 -12.75 -18.90
CA TYR A 75 8.49 -13.11 -18.78
C TYR A 75 8.91 -13.92 -20.00
N THR A 76 10.17 -13.77 -20.40
CA THR A 76 10.62 -14.46 -21.60
C THR A 76 10.60 -15.97 -21.38
N SER A 77 10.34 -16.70 -22.47
CA SER A 77 9.83 -18.06 -22.41
C SER A 77 10.90 -19.09 -22.07
N GLY A 78 12.00 -19.09 -22.80
CA GLY A 78 12.88 -20.24 -22.84
C GLY A 78 13.35 -20.77 -21.50
N PRO A 79 14.05 -21.90 -21.53
CA PRO A 79 14.76 -22.36 -20.33
C PRO A 79 15.76 -21.32 -19.84
N GLY A 80 16.12 -21.45 -18.57
CA GLY A 80 17.04 -20.51 -17.97
C GLY A 80 16.31 -19.37 -17.28
N ILE A 81 17.06 -18.28 -17.06
CA ILE A 81 16.49 -17.08 -16.46
C ILE A 81 15.38 -16.54 -17.35
N ARG A 82 14.24 -16.22 -16.75
CA ARG A 82 13.14 -15.58 -17.46
C ARG A 82 13.16 -14.08 -17.14
N TYR A 83 13.31 -13.24 -18.21
CA TYR A 83 13.41 -11.79 -18.13
C TYR A 83 12.05 -11.11 -18.30
N PRO A 84 11.82 -9.97 -17.64
CA PRO A 84 10.49 -9.35 -17.69
C PRO A 84 10.31 -8.56 -18.97
N LYS A 85 9.11 -8.64 -19.53
CA LYS A 85 8.84 -8.02 -20.82
C LYS A 85 8.44 -6.56 -20.72
N THR A 86 8.24 -6.04 -19.51
CA THR A 86 8.03 -4.62 -19.29
C THR A 86 9.37 -3.98 -18.87
N PHE A 87 9.94 -3.15 -19.76
CA PHE A 87 11.14 -2.40 -19.41
C PHE A 87 10.84 -1.53 -18.21
N GLY A 88 11.57 -1.76 -17.11
CA GLY A 88 11.38 -1.04 -15.88
C GLY A 88 10.97 -1.93 -14.73
N TRP A 89 10.25 -3.02 -15.03
CA TRP A 89 9.99 -4.05 -14.04
C TRP A 89 11.32 -4.70 -13.69
N LEU A 90 11.75 -4.53 -12.43
CA LEU A 90 13.07 -4.94 -11.98
C LEU A 90 13.09 -6.35 -11.40
N TRP A 91 12.16 -7.21 -11.80
CA TRP A 91 12.11 -8.57 -11.27
C TRP A 91 12.27 -9.56 -12.40
N LYS A 92 13.12 -10.55 -12.20
CA LYS A 92 13.24 -11.68 -13.13
C LYS A 92 12.97 -12.98 -12.38
N LEU A 93 12.93 -14.08 -13.13
CA LEU A 93 12.70 -15.42 -12.59
C LEU A 93 13.95 -16.26 -12.80
N VAL A 94 14.44 -16.88 -11.74
CA VAL A 94 15.71 -17.59 -11.79
C VAL A 94 15.51 -19.07 -11.44
N PRO A 95 16.19 -19.98 -12.10
CA PRO A 95 16.07 -21.40 -11.73
C PRO A 95 16.77 -21.70 -10.40
N VAL A 96 16.18 -22.63 -9.65
CA VAL A 96 16.72 -23.10 -8.36
C VAL A 96 17.35 -24.47 -8.58
N ASN A 97 18.58 -24.64 -8.10
CA ASN A 97 19.21 -25.94 -8.14
C ASN A 97 18.63 -26.84 -7.05
N VAL A 98 18.51 -28.13 -7.33
CA VAL A 98 17.77 -29.04 -6.47
C VAL A 98 18.56 -30.32 -6.20
N SER A 99 19.19 -30.89 -7.24
CA SER A 99 19.91 -32.15 -7.08
C SER A 99 21.18 -31.96 -6.25
N TRP A 119 5.08 -30.79 -12.32
CA TRP A 119 5.51 -29.41 -12.16
C TRP A 119 4.84 -28.47 -13.19
N ASP A 120 4.84 -27.19 -12.82
CA ASP A 120 4.23 -26.11 -13.58
C ASP A 120 5.05 -25.64 -14.78
N ASP A 121 6.37 -25.80 -14.74
CA ASP A 121 7.24 -25.13 -15.71
C ASP A 121 7.42 -25.98 -16.97
N PRO A 122 7.04 -25.46 -18.14
CA PRO A 122 7.15 -26.25 -19.38
C PRO A 122 8.57 -26.61 -19.76
N TRP A 123 9.56 -26.21 -18.98
CA TRP A 123 10.93 -26.59 -19.25
C TRP A 123 11.53 -27.45 -18.14
N GLY A 124 10.79 -27.69 -17.07
CA GLY A 124 11.27 -28.57 -16.03
C GLY A 124 12.15 -27.92 -14.99
N GLU A 125 11.89 -26.66 -14.65
CA GLU A 125 12.70 -25.92 -13.71
C GLU A 125 11.83 -25.33 -12.61
N VAL A 126 12.39 -25.24 -11.41
CA VAL A 126 11.80 -24.43 -10.36
C VAL A 126 12.26 -22.99 -10.56
N LEU A 127 11.33 -22.07 -10.46
CA LEU A 127 11.60 -20.67 -10.74
C LEU A 127 11.39 -19.86 -9.48
N ALA A 128 12.25 -18.88 -9.25
CA ALA A 128 12.14 -17.99 -8.12
C ALA A 128 12.29 -16.54 -8.56
N TRP A 129 11.58 -15.66 -7.88
CA TRP A 129 11.66 -14.24 -8.16
C TRP A 129 12.99 -13.68 -7.63
N LYS A 130 13.67 -12.88 -8.46
CA LYS A 130 14.90 -12.21 -8.02
C LYS A 130 14.87 -10.75 -8.44
N PHE A 131 15.02 -9.86 -7.48
CA PHE A 131 15.16 -8.45 -7.81
C PHE A 131 16.48 -8.22 -8.54
N ASP A 132 16.46 -7.37 -9.55
CA ASP A 132 17.68 -7.08 -10.28
C ASP A 132 17.65 -5.64 -10.77
N PRO A 133 18.44 -4.75 -10.15
CA PRO A 133 18.36 -3.34 -10.50
C PRO A 133 18.93 -3.02 -11.86
N THR A 134 19.75 -3.88 -12.45
CA THR A 134 20.32 -3.52 -13.76
C THR A 134 19.29 -3.54 -14.87
N LEU A 135 18.13 -4.16 -14.65
CA LEU A 135 17.08 -4.15 -15.65
C LEU A 135 16.51 -2.78 -15.87
N ALA A 136 16.81 -1.82 -14.98
CA ALA A 136 16.48 -0.43 -15.25
C ALA A 136 17.19 0.11 -16.48
N TYR A 137 18.35 -0.47 -16.83
CA TYR A 137 19.23 0.13 -17.84
C TYR A 137 19.44 -0.79 -19.03
N THR A 138 19.00 -2.02 -18.93
CA THR A 138 19.09 -2.96 -20.03
C THR A 138 17.79 -3.68 -20.19
N TYR A 139 17.23 -3.64 -21.38
CA TYR A 139 15.99 -4.34 -21.66
C TYR A 139 16.40 -5.72 -22.11
N GLU A 140 16.81 -6.53 -21.16
CA GLU A 140 17.30 -7.84 -21.49
C GLU A 140 16.29 -8.60 -22.23
N ALA A 141 15.04 -8.52 -21.82
CA ALA A 141 14.06 -9.33 -22.53
C ALA A 141 14.09 -9.02 -24.01
N TYR A 142 14.11 -7.74 -24.37
CA TYR A 142 14.05 -7.42 -25.79
C TYR A 142 15.40 -7.64 -26.46
N VAL A 143 16.50 -7.50 -25.72
CA VAL A 143 17.83 -7.68 -26.31
C VAL A 143 18.04 -9.15 -26.69
N ARG A 144 17.90 -10.05 -25.72
CA ARG A 144 18.22 -11.45 -25.96
C ARG A 144 17.16 -12.17 -26.79
N TYR A 145 15.88 -11.89 -26.56
CA TYR A 145 14.78 -12.61 -27.22
C TYR A 145 13.81 -11.62 -27.86
N PRO A 146 14.24 -10.87 -28.87
CA PRO A 146 13.27 -10.04 -29.61
C PRO A 146 12.22 -10.86 -30.34
N GLU A 147 12.48 -12.15 -30.56
CA GLU A 147 11.51 -13.03 -31.22
C GLU A 147 10.14 -12.92 -30.57
N GLU A 148 10.10 -12.80 -29.25
CA GLU A 148 8.86 -12.84 -28.49
C GLU A 148 8.14 -11.49 -28.47
N PHE A 149 8.35 -10.66 -29.48
CA PHE A 149 7.72 -9.34 -29.54
C PHE A 149 7.12 -9.10 -30.92
N PRO B 20 11.04 29.51 7.43
CA PRO B 20 11.74 28.51 8.23
C PRO B 20 10.80 27.40 8.69
N LYS B 21 10.93 27.01 9.96
CA LYS B 21 9.98 26.09 10.56
C LYS B 21 8.68 26.83 10.85
N VAL B 22 7.57 26.18 10.57
CA VAL B 22 6.26 26.76 10.86
C VAL B 22 6.08 26.85 12.37
N PRO B 23 5.67 28.01 12.91
CA PRO B 23 5.43 28.09 14.35
C PRO B 23 4.27 27.21 14.77
N LEU B 24 4.39 26.63 15.95
CA LEU B 24 3.39 25.69 16.43
C LEU B 24 2.04 26.37 16.59
N ARG B 25 0.97 25.61 16.38
CA ARG B 25 -0.39 26.10 16.55
C ARG B 25 -1.34 24.92 16.66
N THR B 26 -2.34 25.06 17.51
CA THR B 26 -3.29 23.97 17.70
C THR B 26 -4.27 23.91 16.54
N MET B 27 -4.77 22.70 16.29
CA MET B 27 -5.71 22.44 15.22
C MET B 27 -7.09 22.88 15.67
N SER B 28 -7.43 24.11 15.32
CA SER B 28 -8.79 24.59 15.48
C SER B 28 -9.72 23.90 14.48
N TYR B 29 -11.02 24.15 14.67
CA TYR B 29 -12.02 23.64 13.75
C TYR B 29 -11.71 24.01 12.30
N LYS B 30 -11.47 25.29 12.01
CA LYS B 30 -11.16 25.66 10.64
C LYS B 30 -9.86 25.01 10.18
N LEU B 31 -8.86 24.95 11.06
CA LEU B 31 -7.61 24.33 10.65
C LEU B 31 -7.80 22.83 10.42
N ALA B 32 -8.66 22.17 11.19
CA ALA B 32 -8.85 20.74 11.00
C ALA B 32 -9.45 20.45 9.63
N ILE B 33 -10.39 21.29 9.20
CA ILE B 33 -10.96 21.11 7.87
C ILE B 33 -9.90 21.34 6.80
N ASP B 34 -9.20 22.46 6.88
CA ASP B 34 -8.16 22.77 5.90
C ASP B 34 -7.08 21.68 5.85
N MET B 35 -6.68 21.15 7.01
CA MET B 35 -5.73 20.06 6.99
C MET B 35 -6.35 18.80 6.40
N SER B 36 -7.62 18.55 6.70
CA SER B 36 -8.30 17.39 6.12
C SER B 36 -8.20 17.41 4.60
N HIS B 37 -8.45 18.58 4.01
CA HIS B 37 -8.40 18.66 2.54
C HIS B 37 -6.96 18.70 2.05
N PHE B 38 -6.05 19.31 2.81
CA PHE B 38 -4.65 19.31 2.44
C PHE B 38 -4.13 17.87 2.30
N ILE B 39 -4.48 17.01 3.25
CA ILE B 39 -4.04 15.62 3.14
C ILE B 39 -4.72 14.93 1.98
N LYS B 40 -6.00 15.22 1.74
CA LYS B 40 -6.66 14.66 0.57
C LYS B 40 -5.95 15.07 -0.71
N GLU B 41 -5.64 16.37 -0.85
CA GLU B 41 -4.99 16.84 -2.07
C GLU B 41 -3.60 16.22 -2.25
N LYS B 42 -2.96 15.82 -1.16
CA LYS B 42 -1.71 15.09 -1.21
C LYS B 42 -1.89 13.60 -1.48
N GLY B 43 -3.04 13.17 -1.98
CA GLY B 43 -3.33 11.78 -2.23
C GLY B 43 -4.30 11.16 -1.24
N GLY B 44 -4.34 11.68 -0.02
CA GLY B 44 -5.31 11.22 0.95
C GLY B 44 -4.91 9.93 1.62
N LEU B 45 -5.69 9.49 2.59
CA LEU B 45 -5.40 8.27 3.29
C LEU B 45 -6.42 7.23 3.02
N GLU B 46 -7.24 7.40 2.02
CA GLU B 46 -8.32 6.47 1.80
C GLU B 46 -7.92 5.05 1.77
N GLY B 47 -8.59 4.24 2.57
CA GLY B 47 -8.32 2.82 2.58
C GLY B 47 -6.98 2.40 3.13
N ILE B 48 -6.10 3.33 3.51
CA ILE B 48 -4.85 2.92 4.15
C ILE B 48 -5.17 2.32 5.52
N TYR B 49 -4.46 1.25 5.86
CA TYR B 49 -4.75 0.55 7.09
C TYR B 49 -4.22 1.32 8.28
N TYR B 50 -5.02 1.46 9.32
CA TYR B 50 -4.63 2.24 10.47
C TYR B 50 -3.62 1.46 11.31
N SER B 51 -2.81 2.20 12.06
CA SER B 51 -1.75 1.65 12.89
C SER B 51 -1.25 2.76 13.79
N ALA B 52 -0.71 2.38 14.94
CA ALA B 52 -0.13 3.37 15.83
C ALA B 52 1.07 4.07 15.17
N ARG B 53 1.88 3.33 14.42
CA ARG B 53 3.05 3.95 13.82
C ARG B 53 2.62 4.92 12.72
N ARG B 54 1.67 4.50 11.87
CA ARG B 54 1.15 5.40 10.87
C ARG B 54 0.44 6.59 11.52
N HIS B 55 -0.11 6.37 12.71
CA HIS B 55 -0.76 7.46 13.42
C HIS B 55 0.26 8.52 13.80
N ARG B 56 1.35 8.09 14.43
CA ARG B 56 2.38 9.03 14.82
C ARG B 56 3.07 9.65 13.60
N ILE B 57 3.20 8.90 12.51
CA ILE B 57 3.81 9.48 11.31
C ILE B 57 2.95 10.62 10.79
N LEU B 58 1.64 10.40 10.69
CA LEU B 58 0.72 11.48 10.34
C LEU B 58 0.91 12.68 11.25
N ASP B 59 1.05 12.44 12.56
CA ASP B 59 1.25 13.52 13.53
C ASP B 59 2.48 14.35 13.16
N ILE B 60 3.59 13.67 12.86
CA ILE B 60 4.82 14.38 12.59
C ILE B 60 4.71 15.14 11.28
N TYR B 61 3.99 14.57 10.31
CA TYR B 61 3.86 15.23 9.02
C TYR B 61 3.19 16.59 9.16
N LEU B 62 2.18 16.70 10.01
CA LEU B 62 1.45 17.96 10.15
C LEU B 62 2.17 18.94 11.06
N GLU B 63 2.88 18.43 12.07
CA GLU B 63 3.78 19.33 12.79
C GLU B 63 4.84 19.88 11.85
N LYS B 64 5.51 19.01 11.10
CA LYS B 64 6.66 19.46 10.31
C LYS B 64 6.25 20.40 9.17
N GLU B 65 5.25 20.01 8.38
CA GLU B 65 4.87 20.80 7.22
C GLU B 65 3.95 21.95 7.56
N GLU B 66 3.22 21.87 8.68
CA GLU B 66 2.20 22.88 8.97
C GLU B 66 2.21 23.39 10.39
N GLY B 67 3.12 22.91 11.24
CA GLY B 67 3.20 23.38 12.61
C GLY B 67 2.04 23.01 13.50
N ILE B 68 1.29 21.96 13.15
CA ILE B 68 0.15 21.53 13.97
C ILE B 68 0.69 20.82 15.20
N ILE B 69 0.38 21.36 16.38
CA ILE B 69 0.71 20.66 17.61
C ILE B 69 0.03 19.29 17.59
N PRO B 70 0.75 18.21 17.83
CA PRO B 70 0.16 16.87 17.67
C PRO B 70 -0.51 16.36 18.95
N ASP B 71 -1.55 17.08 19.38
CA ASP B 71 -2.43 16.64 20.48
C ASP B 71 -3.89 16.56 20.01
N TRP B 72 -4.09 16.27 18.73
CA TRP B 72 -5.39 16.41 18.09
C TRP B 72 -5.90 15.11 17.52
N GLN B 73 -5.03 14.20 17.13
CA GLN B 73 -5.48 12.96 16.48
C GLN B 73 -5.85 11.94 17.54
N ASP B 74 -7.15 11.78 17.78
CA ASP B 74 -7.65 10.69 18.59
C ASP B 74 -9.00 10.23 18.02
N TYR B 75 -9.32 8.95 18.22
CA TYR B 75 -10.57 8.42 17.70
C TYR B 75 -11.33 7.73 18.83
N THR B 76 -12.66 7.81 18.74
CA THR B 76 -13.52 7.07 19.65
C THR B 76 -13.20 5.57 19.61
N SER B 77 -13.39 4.92 20.72
CA SER B 77 -13.00 3.53 20.84
C SER B 77 -13.92 2.38 20.63
N GLY B 78 -15.19 2.63 20.52
CA GLY B 78 -16.16 1.59 20.48
C GLY B 78 -15.99 0.82 19.24
N PRO B 79 -16.74 -0.33 19.16
CA PRO B 79 -16.56 -1.07 17.92
C PRO B 79 -17.17 -0.30 16.77
N GLY B 80 -16.90 -0.69 15.55
CA GLY B 80 -17.38 0.02 14.39
C GLY B 80 -16.61 1.29 14.09
N ILE B 81 -17.29 2.29 13.51
CA ILE B 81 -16.61 3.51 13.11
C ILE B 81 -15.93 4.13 14.31
N ARG B 82 -14.70 4.57 14.11
CA ARG B 82 -13.95 5.29 15.12
C ARG B 82 -13.94 6.75 14.70
N TYR B 83 -14.75 7.54 15.35
CA TYR B 83 -14.95 8.94 14.99
C TYR B 83 -13.81 9.79 15.53
N PRO B 84 -13.39 10.79 14.76
CA PRO B 84 -12.26 11.61 15.19
C PRO B 84 -12.71 12.52 16.32
N LYS B 85 -11.88 12.61 17.35
CA LYS B 85 -12.26 13.40 18.52
C LYS B 85 -11.96 14.89 18.39
N THR B 86 -11.25 15.33 17.35
CA THR B 86 -11.16 16.74 17.04
C THR B 86 -12.19 17.09 15.98
N PHE B 87 -13.11 18.00 16.32
CA PHE B 87 -14.13 18.42 15.36
C PHE B 87 -13.53 19.21 14.23
N GLY B 88 -13.80 18.78 12.99
CA GLY B 88 -13.22 19.33 11.78
C GLY B 88 -12.29 18.38 11.07
N TRP B 89 -11.72 17.44 11.80
CA TRP B 89 -10.97 16.37 11.17
C TRP B 89 -11.94 15.45 10.45
N LEU B 90 -11.72 15.25 9.16
CA LEU B 90 -12.70 14.58 8.30
C LEU B 90 -12.26 13.18 7.91
N TRP B 91 -11.35 12.58 8.66
CA TRP B 91 -10.83 11.25 8.34
C TRP B 91 -11.12 10.33 9.53
N LYS B 92 -12.17 9.51 9.39
CA LYS B 92 -12.56 8.58 10.43
C LYS B 92 -11.99 7.20 10.10
N LEU B 93 -12.05 6.32 11.10
CA LEU B 93 -11.61 4.95 10.93
C LEU B 93 -12.83 4.06 10.74
N VAL B 94 -12.74 3.14 9.77
CA VAL B 94 -13.81 2.18 9.53
C VAL B 94 -13.27 0.76 9.58
N PRO B 95 -14.06 -0.20 10.08
CA PRO B 95 -13.64 -1.60 10.00
C PRO B 95 -13.63 -2.06 8.56
N VAL B 96 -12.60 -2.82 8.19
CA VAL B 96 -12.51 -3.40 6.84
C VAL B 96 -12.93 -4.86 6.90
N ASN B 97 -13.69 -5.28 5.89
CA ASN B 97 -14.37 -6.55 5.87
C ASN B 97 -13.39 -7.72 5.93
N VAL B 98 -13.91 -8.87 6.35
CA VAL B 98 -13.09 -10.06 6.53
C VAL B 98 -12.39 -10.40 5.23
N SER B 99 -11.09 -10.67 5.31
CA SER B 99 -10.32 -11.10 4.16
C SER B 99 -10.56 -12.58 3.90
N ASP B 100 -10.89 -12.92 2.64
CA ASP B 100 -11.12 -14.31 2.28
C ASP B 100 -9.89 -15.14 2.59
N GLU B 101 -10.12 -16.32 3.18
CA GLU B 101 -9.00 -17.18 3.57
C GLU B 101 -8.08 -17.45 2.39
N ALA B 102 -8.66 -17.68 1.21
CA ALA B 102 -7.91 -17.79 -0.04
C ALA B 102 -8.33 -16.65 -0.96
N GLN B 103 -7.39 -15.79 -1.33
CA GLN B 103 -5.99 -15.92 -0.93
C GLN B 103 -5.41 -14.61 -0.39
N GLU B 104 -5.88 -14.18 0.79
CA GLU B 104 -5.28 -13.01 1.41
C GLU B 104 -4.02 -13.38 2.20
N ASP B 105 -3.86 -14.64 2.59
CA ASP B 105 -2.64 -15.04 3.28
C ASP B 105 -1.50 -15.28 2.31
N GLU B 106 -1.78 -15.89 1.15
CA GLU B 106 -0.78 -16.00 0.11
C GLU B 106 -0.42 -14.65 -0.47
N GLU B 107 -1.42 -13.76 -0.58
CA GLU B 107 -1.16 -12.39 -0.97
C GLU B 107 -0.20 -11.71 -0.01
N HIS B 108 -0.32 -12.00 1.28
CA HIS B 108 0.54 -11.35 2.26
C HIS B 108 1.97 -11.86 2.17
N TYR B 109 2.14 -13.18 2.07
CA TYR B 109 3.48 -13.74 1.95
C TYR B 109 4.20 -13.20 0.72
N LEU B 110 3.46 -13.10 -0.35
CA LEU B 110 3.97 -12.62 -1.56
C LEU B 110 4.38 -11.17 -1.52
N MET B 111 3.59 -10.33 -0.86
CA MET B 111 3.90 -8.91 -0.86
C MET B 111 4.27 -8.16 0.39
N HIS B 112 3.52 -8.32 1.46
CA HIS B 112 3.78 -7.57 2.68
C HIS B 112 3.75 -8.52 3.81
N PRO B 113 4.81 -9.28 3.96
CA PRO B 113 4.86 -10.33 5.00
C PRO B 113 4.72 -9.85 6.44
N ALA B 114 4.67 -8.55 6.71
CA ALA B 114 4.63 -8.01 8.07
C ALA B 114 3.24 -7.43 8.36
N GLN B 115 2.41 -8.20 9.05
CA GLN B 115 1.00 -7.86 9.22
C GLN B 115 0.70 -7.44 10.66
N THR B 116 -0.26 -6.52 10.79
CA THR B 116 -0.86 -6.23 12.09
C THR B 116 -1.61 -7.45 12.59
N SER B 117 -1.64 -7.63 13.90
CA SER B 117 -2.56 -8.56 14.53
C SER B 117 -3.87 -7.84 14.78
N GLN B 118 -4.98 -8.46 14.36
CA GLN B 118 -6.27 -7.80 14.56
C GLN B 118 -6.53 -7.51 16.03
N TRP B 119 -5.96 -8.30 16.95
CA TRP B 119 -6.19 -8.04 18.36
C TRP B 119 -5.30 -6.95 18.92
N ASP B 120 -4.57 -6.26 18.04
CA ASP B 120 -4.07 -4.92 18.38
C ASP B 120 -5.21 -3.98 18.71
N ASP B 121 -6.33 -4.13 18.01
CA ASP B 121 -7.56 -3.42 18.35
C ASP B 121 -8.31 -4.18 19.43
N PRO B 122 -8.81 -3.51 20.45
CA PRO B 122 -9.52 -4.22 21.53
C PRO B 122 -10.76 -4.95 21.04
N TRP B 123 -11.34 -4.47 19.94
CA TRP B 123 -12.50 -5.13 19.38
C TRP B 123 -12.14 -6.13 18.29
N GLY B 124 -10.86 -6.31 18.00
CA GLY B 124 -10.53 -7.28 16.98
C GLY B 124 -10.73 -6.79 15.56
N GLU B 125 -11.08 -5.51 15.39
CA GLU B 125 -11.44 -4.96 14.09
C GLU B 125 -10.21 -4.38 13.41
N VAL B 126 -10.06 -4.66 12.11
CA VAL B 126 -9.02 -4.01 11.30
C VAL B 126 -9.58 -2.70 10.76
N LEU B 127 -8.86 -1.61 11.00
CA LEU B 127 -9.34 -0.26 10.75
C LEU B 127 -8.60 0.37 9.59
N ALA B 128 -9.33 1.07 8.73
CA ALA B 128 -8.74 1.81 7.63
C ALA B 128 -9.34 3.22 7.60
N TRP B 129 -8.52 4.18 7.19
CA TRP B 129 -8.97 5.55 7.08
C TRP B 129 -10.06 5.67 6.02
N LYS B 130 -11.02 6.54 6.27
CA LYS B 130 -12.00 6.89 5.26
C LYS B 130 -12.33 8.36 5.39
N PHE B 131 -12.48 9.03 4.24
CA PHE B 131 -12.84 10.43 4.19
C PHE B 131 -14.34 10.59 4.28
N ASP B 132 -14.80 11.60 5.06
CA ASP B 132 -16.22 11.82 5.31
C ASP B 132 -16.51 13.32 5.47
N PRO B 133 -16.90 13.99 4.38
CA PRO B 133 -17.15 15.45 4.47
C PRO B 133 -18.23 15.83 5.45
N THR B 134 -19.19 14.94 5.71
CA THR B 134 -20.23 15.22 6.69
C THR B 134 -19.67 15.41 8.10
N LEU B 135 -18.45 14.96 8.38
CA LEU B 135 -17.88 15.19 9.70
C LEU B 135 -17.61 16.66 9.99
N ALA B 136 -17.70 17.53 8.98
CA ALA B 136 -17.63 18.97 9.27
C ALA B 136 -18.93 19.49 9.85
N TYR B 137 -20.05 18.80 9.64
CA TYR B 137 -21.35 19.32 10.04
C TYR B 137 -21.93 18.61 11.25
N THR B 138 -21.34 17.49 11.68
CA THR B 138 -21.78 16.83 12.91
C THR B 138 -20.56 16.34 13.64
N TYR B 139 -20.42 16.74 14.89
CA TYR B 139 -19.35 16.28 15.77
C TYR B 139 -19.74 14.92 16.35
N GLU B 140 -19.69 13.90 15.49
CA GLU B 140 -20.20 12.58 15.88
C GLU B 140 -19.55 12.07 17.15
N ALA B 141 -18.24 12.26 17.31
CA ALA B 141 -17.55 11.72 18.48
C ALA B 141 -18.19 12.19 19.77
N TYR B 142 -18.50 13.50 19.85
CA TYR B 142 -19.08 14.08 21.07
C TYR B 142 -20.58 13.91 21.12
N VAL B 143 -21.25 13.88 19.97
CA VAL B 143 -22.69 13.70 19.95
C VAL B 143 -23.06 12.29 20.42
N ARG B 144 -22.31 11.28 19.99
CA ARG B 144 -22.60 9.89 20.29
C ARG B 144 -21.99 9.43 21.60
N TYR B 145 -20.72 9.75 21.84
CA TYR B 145 -19.97 9.23 22.98
C TYR B 145 -19.39 10.38 23.80
N PRO B 146 -20.23 11.23 24.38
CA PRO B 146 -19.70 12.30 25.24
C PRO B 146 -18.88 11.79 26.40
N GLU B 147 -19.24 10.63 26.95
CA GLU B 147 -18.54 10.09 28.11
C GLU B 147 -17.05 9.91 27.86
N GLU B 148 -16.61 9.90 26.60
CA GLU B 148 -15.19 9.73 26.31
C GLU B 148 -14.47 11.07 26.35
N PHE B 149 -15.06 12.05 27.04
CA PHE B 149 -14.46 13.36 27.16
C PHE B 149 -14.44 13.83 28.60
N UNK C 1 4.09 1.37 3.22
CA UNK C 1 4.51 2.44 4.11
C UNK C 1 3.58 3.63 3.94
N UNK C 2 3.14 4.21 5.06
CA UNK C 2 2.20 5.34 5.01
C UNK C 2 2.87 6.60 4.48
N UNK C 3 4.08 6.91 4.96
CA UNK C 3 4.76 8.12 4.51
C UNK C 3 4.97 8.09 3.01
N UNK C 4 5.49 6.98 2.51
CA UNK C 4 5.62 6.84 1.06
C UNK C 4 4.26 6.86 0.40
N UNK C 5 3.25 6.24 1.02
CA UNK C 5 1.90 6.24 0.41
C UNK C 5 1.31 7.62 0.27
N UNK C 6 1.12 8.36 1.36
CA UNK C 6 0.79 9.77 1.21
C UNK C 6 1.81 10.48 0.35
N UNK C 7 1.31 11.41 -0.48
CA UNK C 7 2.04 12.17 -1.51
C UNK C 7 2.19 11.38 -2.80
N UNK C 8 1.68 10.15 -2.86
CA UNK C 8 1.57 9.47 -4.14
C UNK C 8 0.19 9.72 -4.71
#